data_1B0Q
# 
_entry.id   1B0Q 
# 
_audit_conform.dict_name       mmcif_pdbx.dic 
_audit_conform.dict_version    5.397 
_audit_conform.dict_location   http://mmcif.pdb.org/dictionaries/ascii/mmcif_pdbx.dic 
# 
loop_
_database_2.database_id 
_database_2.database_code 
_database_2.pdbx_database_accession 
_database_2.pdbx_DOI 
PDB   1B0Q         pdb_00001b0q 10.2210/pdb1b0q/pdb 
RCSB  RCSB008004   ?            ?                   
WWPDB D_1000008004 ?            ?                   
# 
loop_
_pdbx_audit_revision_history.ordinal 
_pdbx_audit_revision_history.data_content_type 
_pdbx_audit_revision_history.major_revision 
_pdbx_audit_revision_history.minor_revision 
_pdbx_audit_revision_history.revision_date 
1 'Structure model' 1 0 1998-11-18 
2 'Structure model' 1 1 2008-04-27 
3 'Structure model' 1 2 2011-07-13 
4 'Structure model' 1 3 2022-02-16 
5 'Structure model' 1 4 2023-12-27 
6 'Structure model' 1 5 2024-10-09 
# 
_pdbx_audit_revision_details.ordinal             1 
_pdbx_audit_revision_details.revision_ordinal    1 
_pdbx_audit_revision_details.data_content_type   'Structure model' 
_pdbx_audit_revision_details.provider            repository 
_pdbx_audit_revision_details.type                'Initial release' 
_pdbx_audit_revision_details.description         ? 
_pdbx_audit_revision_details.details             ? 
# 
loop_
_pdbx_audit_revision_group.ordinal 
_pdbx_audit_revision_group.revision_ordinal 
_pdbx_audit_revision_group.data_content_type 
_pdbx_audit_revision_group.group 
1 2 'Structure model' 'Version format compliance' 
2 3 'Structure model' 'Version format compliance' 
3 4 'Structure model' 'Database references'       
4 4 'Structure model' 'Derived calculations'      
5 5 'Structure model' 'Data collection'           
6 6 'Structure model' 'Structure summary'         
# 
loop_
_pdbx_audit_revision_category.ordinal 
_pdbx_audit_revision_category.revision_ordinal 
_pdbx_audit_revision_category.data_content_type 
_pdbx_audit_revision_category.category 
1 4 'Structure model' database_2                
2 4 'Structure model' pdbx_struct_assembly      
3 4 'Structure model' pdbx_struct_oper_list     
4 4 'Structure model' struct_conn               
5 4 'Structure model' struct_site               
6 5 'Structure model' chem_comp_atom            
7 5 'Structure model' chem_comp_bond            
8 6 'Structure model' pdbx_entry_details        
9 6 'Structure model' pdbx_modification_feature 
# 
loop_
_pdbx_audit_revision_item.ordinal 
_pdbx_audit_revision_item.revision_ordinal 
_pdbx_audit_revision_item.data_content_type 
_pdbx_audit_revision_item.item 
1  4 'Structure model' '_database_2.pdbx_DOI'                
2  4 'Structure model' '_database_2.pdbx_database_accession' 
3  4 'Structure model' '_struct_conn.pdbx_dist_value'        
4  4 'Structure model' '_struct_conn.pdbx_leaving_atom_flag' 
5  4 'Structure model' '_struct_conn.ptnr1_auth_comp_id'     
6  4 'Structure model' '_struct_conn.ptnr1_auth_seq_id'      
7  4 'Structure model' '_struct_conn.ptnr1_label_comp_id'    
8  4 'Structure model' '_struct_conn.ptnr1_label_seq_id'     
9  4 'Structure model' '_struct_conn.ptnr2_auth_comp_id'     
10 4 'Structure model' '_struct_conn.ptnr2_auth_seq_id'      
11 4 'Structure model' '_struct_conn.ptnr2_label_comp_id'    
12 4 'Structure model' '_struct_conn.ptnr2_label_seq_id'     
13 4 'Structure model' '_struct_site.pdbx_auth_asym_id'      
14 4 'Structure model' '_struct_site.pdbx_auth_comp_id'      
15 4 'Structure model' '_struct_site.pdbx_auth_seq_id'       
# 
_pdbx_database_status.status_code                     REL 
_pdbx_database_status.entry_id                        1B0Q 
_pdbx_database_status.recvd_initial_deposition_date   1998-11-12 
_pdbx_database_status.deposit_site                    BNL 
_pdbx_database_status.process_site                    RCSB 
_pdbx_database_status.SG_entry                        . 
_pdbx_database_status.pdb_format_compatible           Y 
_pdbx_database_status.status_code_mr                  ? 
_pdbx_database_status.status_code_sf                  ? 
_pdbx_database_status.status_code_cs                  ? 
_pdbx_database_status.status_code_nmr_data            ? 
_pdbx_database_status.methods_development_category    ? 
# 
loop_
_audit_author.name 
_audit_author.pdbx_ordinal 
'Giblin, M.F.'   1 
'Wang, N.'       2 
'Hoffman, T.J.'  3 
'Jurisson, S.S.' 4 
'Quinn, T.P.'    5 
# 
_citation.id                        primary 
_citation.title                     
'Design and characterization of alpha-melanotropin peptide analogs cyclized through rhenium and technetium metal coordination.' 
_citation.journal_abbrev            Proc.Natl.Acad.Sci.USA 
_citation.journal_volume            95 
_citation.page_first                12814 
_citation.page_last                 12818 
_citation.year                      1998 
_citation.journal_id_ASTM           PNASA6 
_citation.country                   US 
_citation.journal_id_ISSN           0027-8424 
_citation.journal_id_CSD            0040 
_citation.book_publisher            ? 
_citation.pdbx_database_id_PubMed   9788997 
_citation.pdbx_database_id_DOI      10.1073/pnas.95.22.12814 
# 
loop_
_citation_author.citation_id 
_citation_author.name 
_citation_author.ordinal 
_citation_author.identifier_ORCID 
primary 'Giblin, M.F.'   1 ? 
primary 'Wang, N.'       2 ? 
primary 'Hoffman, T.J.'  3 ? 
primary 'Jurisson, S.S.' 4 ? 
primary 'Quinn, T.P.'    5 ? 
# 
loop_
_entity.id 
_entity.type 
_entity.src_method 
_entity.pdbx_description 
_entity.formula_weight 
_entity.pdbx_number_of_molecules 
_entity.pdbx_ec 
_entity.pdbx_mutation 
_entity.pdbx_fragment 
_entity.details 
1 polymer     syn 'PROTEIN (CYCLIC ALPHA MELANOCYTE STIMULATING HORMONE)' 1331.610 1 ? ? ? 
'COMPOUND CYCLIZED THROUGH RHENIUM METAL COODINATION' 
2 non-polymer syn RHENIUM                                                 186.207  1 ? ? ? ? 
# 
_entity_name_com.entity_id   1 
_entity_name_com.name        MSH 
# 
_entity_poly.entity_id                      1 
_entity_poly.type                           'polypeptide(L)' 
_entity_poly.nstd_linkage                   no 
_entity_poly.nstd_monomer                   yes 
_entity_poly.pdbx_seq_one_letter_code       '(ACE)CEH(DPN)RWCKPV(NH2)' 
_entity_poly.pdbx_seq_one_letter_code_can   XCEHFRWCKPVX 
_entity_poly.pdbx_strand_id                 A 
_entity_poly.pdbx_target_identifier         ? 
# 
_pdbx_entity_nonpoly.entity_id   2 
_pdbx_entity_nonpoly.name        RHENIUM 
_pdbx_entity_nonpoly.comp_id     RE 
# 
loop_
_entity_poly_seq.entity_id 
_entity_poly_seq.num 
_entity_poly_seq.mon_id 
_entity_poly_seq.hetero 
1 1  ACE n 
1 2  CYS n 
1 3  GLU n 
1 4  HIS n 
1 5  DPN n 
1 6  ARG n 
1 7  TRP n 
1 8  CYS n 
1 9  LYS n 
1 10 PRO n 
1 11 VAL n 
1 12 NH2 n 
# 
loop_
_chem_comp.id 
_chem_comp.type 
_chem_comp.mon_nstd_flag 
_chem_comp.name 
_chem_comp.pdbx_synonyms 
_chem_comp.formula 
_chem_comp.formula_weight 
ACE non-polymer         . 'ACETYL GROUP'  ? 'C2 H4 O'        44.053  
ARG 'L-peptide linking' y ARGININE        ? 'C6 H15 N4 O2 1' 175.209 
CYS 'L-peptide linking' y CYSTEINE        ? 'C3 H7 N O2 S'   121.158 
DPN 'D-peptide linking' . D-PHENYLALANINE ? 'C9 H11 N O2'    165.189 
GLU 'L-peptide linking' y 'GLUTAMIC ACID' ? 'C5 H9 N O4'     147.129 
HIS 'L-peptide linking' y HISTIDINE       ? 'C6 H10 N3 O2 1' 156.162 
LYS 'L-peptide linking' y LYSINE          ? 'C6 H15 N2 O2 1' 147.195 
NH2 non-polymer         . 'AMINO GROUP'   ? 'H2 N'           16.023  
PRO 'L-peptide linking' y PROLINE         ? 'C5 H9 N O2'     115.130 
RE  non-polymer         . RHENIUM         ? Re               186.207 
TRP 'L-peptide linking' y TRYPTOPHAN      ? 'C11 H12 N2 O2'  204.225 
VAL 'L-peptide linking' y VALINE          ? 'C5 H11 N O2'    117.146 
# 
loop_
_pdbx_poly_seq_scheme.asym_id 
_pdbx_poly_seq_scheme.entity_id 
_pdbx_poly_seq_scheme.seq_id 
_pdbx_poly_seq_scheme.mon_id 
_pdbx_poly_seq_scheme.ndb_seq_num 
_pdbx_poly_seq_scheme.pdb_seq_num 
_pdbx_poly_seq_scheme.auth_seq_num 
_pdbx_poly_seq_scheme.pdb_mon_id 
_pdbx_poly_seq_scheme.auth_mon_id 
_pdbx_poly_seq_scheme.pdb_strand_id 
_pdbx_poly_seq_scheme.pdb_ins_code 
_pdbx_poly_seq_scheme.hetero 
A 1 1  ACE 1  1  1  ACE ACE A A n 
A 1 2  CYS 2  1  1  CYS CYS A . n 
A 1 3  GLU 3  2  2  GLU GLU A . n 
A 1 4  HIS 4  3  3  HIS HIS A . n 
A 1 5  DPN 5  4  4  DPN DPN A . n 
A 1 6  ARG 6  5  5  ARG ARG A . n 
A 1 7  TRP 7  6  6  TRP TRP A . n 
A 1 8  CYS 8  7  7  CYS CYS A . n 
A 1 9  LYS 9  8  8  LYS LYS A . n 
A 1 10 PRO 10 9  9  PRO PRO A . n 
A 1 11 VAL 11 10 10 VAL VAL A . n 
A 1 12 NH2 12 11 11 NH2 NH2 A . n 
# 
_pdbx_nonpoly_scheme.asym_id         B 
_pdbx_nonpoly_scheme.entity_id       2 
_pdbx_nonpoly_scheme.mon_id          RE 
_pdbx_nonpoly_scheme.ndb_seq_num     1 
_pdbx_nonpoly_scheme.pdb_seq_num     182 
_pdbx_nonpoly_scheme.auth_seq_num    182 
_pdbx_nonpoly_scheme.pdb_mon_id      RE 
_pdbx_nonpoly_scheme.auth_mon_id     RE 
_pdbx_nonpoly_scheme.pdb_strand_id   A 
_pdbx_nonpoly_scheme.pdb_ins_code    . 
# 
_cell.entry_id           1B0Q 
_cell.length_a           1.000 
_cell.length_b           1.000 
_cell.length_c           1.000 
_cell.angle_alpha        90.00 
_cell.angle_beta         90.00 
_cell.angle_gamma        90.00 
_cell.Z_PDB              1 
_cell.pdbx_unique_axis   ? 
# 
_symmetry.entry_id                         1B0Q 
_symmetry.space_group_name_H-M             'P 1' 
_symmetry.pdbx_full_space_group_name_H-M   ? 
_symmetry.cell_setting                     ? 
_symmetry.Int_Tables_number                1 
# 
_exptl.entry_id          1B0Q 
_exptl.method            'SOLUTION NMR' 
_exptl.crystals_number   ? 
# 
_struct.entry_id                  1B0Q 
_struct.title                     'DITHIOL ALPHA MELANOTROPIN PEPTIDE CYCLIZED VIA RHENIUM METAL COORDINATION' 
_struct.pdbx_model_details        ? 
_struct.pdbx_CASP_flag            ? 
_struct.pdbx_model_type_details   ? 
# 
_struct_keywords.entry_id        1B0Q 
_struct_keywords.pdbx_keywords   'HORMONE/GROWTH FACTOR' 
_struct_keywords.text            'ALPHA MELANOCYTE STIMULATING HORMONE, RHENIUM TECHNETIUM, HORMONE-GROWTH FACTOR COMPLEX' 
# 
loop_
_struct_asym.id 
_struct_asym.pdbx_blank_PDB_chainid_flag 
_struct_asym.pdbx_modified 
_struct_asym.entity_id 
_struct_asym.details 
A N N 1 ? 
B N N 2 ? 
# 
_struct_ref.id                         1 
_struct_ref.entity_id                  1 
_struct_ref.db_name                    PDB 
_struct_ref.db_code                    1B0Q 
_struct_ref.pdbx_db_accession          1B0Q 
_struct_ref.pdbx_db_isoform            ? 
_struct_ref.pdbx_seq_one_letter_code   ? 
_struct_ref.pdbx_align_begin           ? 
# 
_struct_ref_seq.align_id                      1 
_struct_ref_seq.ref_id                        1 
_struct_ref_seq.pdbx_PDB_id_code              1B0Q 
_struct_ref_seq.pdbx_strand_id                A 
_struct_ref_seq.seq_align_beg                 1 
_struct_ref_seq.pdbx_seq_align_beg_ins_code   A 
_struct_ref_seq.seq_align_end                 12 
_struct_ref_seq.pdbx_seq_align_end_ins_code   ? 
_struct_ref_seq.pdbx_db_accession             1B0Q 
_struct_ref_seq.db_align_beg                  1 
_struct_ref_seq.pdbx_db_align_beg_ins_code    ? 
_struct_ref_seq.db_align_end                  11 
_struct_ref_seq.pdbx_db_align_end_ins_code    ? 
_struct_ref_seq.pdbx_auth_seq_align_beg       1 
_struct_ref_seq.pdbx_auth_seq_align_end       11 
# 
_pdbx_struct_assembly.id                   1 
_pdbx_struct_assembly.details              author_defined_assembly 
_pdbx_struct_assembly.method_details       ? 
_pdbx_struct_assembly.oligomeric_details   monomeric 
_pdbx_struct_assembly.oligomeric_count     1 
# 
_pdbx_struct_assembly_gen.assembly_id       1 
_pdbx_struct_assembly_gen.oper_expression   1 
_pdbx_struct_assembly_gen.asym_id_list      A,B 
# 
_pdbx_struct_oper_list.id                   1 
_pdbx_struct_oper_list.type                 'identity operation' 
_pdbx_struct_oper_list.name                 1_555 
_pdbx_struct_oper_list.symmetry_operation   x,y,z 
_pdbx_struct_oper_list.matrix[1][1]         1.0000000000 
_pdbx_struct_oper_list.matrix[1][2]         0.0000000000 
_pdbx_struct_oper_list.matrix[1][3]         0.0000000000 
_pdbx_struct_oper_list.vector[1]            0.0000000000 
_pdbx_struct_oper_list.matrix[2][1]         0.0000000000 
_pdbx_struct_oper_list.matrix[2][2]         1.0000000000 
_pdbx_struct_oper_list.matrix[2][3]         0.0000000000 
_pdbx_struct_oper_list.vector[2]            0.0000000000 
_pdbx_struct_oper_list.matrix[3][1]         0.0000000000 
_pdbx_struct_oper_list.matrix[3][2]         0.0000000000 
_pdbx_struct_oper_list.matrix[3][3]         1.0000000000 
_pdbx_struct_oper_list.vector[3]            0.0000000000 
# 
_struct_biol.id   1 
# 
loop_
_struct_conn.id 
_struct_conn.conn_type_id 
_struct_conn.pdbx_leaving_atom_flag 
_struct_conn.pdbx_PDB_id 
_struct_conn.ptnr1_label_asym_id 
_struct_conn.ptnr1_label_comp_id 
_struct_conn.ptnr1_label_seq_id 
_struct_conn.ptnr1_label_atom_id 
_struct_conn.pdbx_ptnr1_label_alt_id 
_struct_conn.pdbx_ptnr1_PDB_ins_code 
_struct_conn.pdbx_ptnr1_standard_comp_id 
_struct_conn.ptnr1_symmetry 
_struct_conn.ptnr2_label_asym_id 
_struct_conn.ptnr2_label_comp_id 
_struct_conn.ptnr2_label_seq_id 
_struct_conn.ptnr2_label_atom_id 
_struct_conn.pdbx_ptnr2_label_alt_id 
_struct_conn.pdbx_ptnr2_PDB_ins_code 
_struct_conn.ptnr1_auth_asym_id 
_struct_conn.ptnr1_auth_comp_id 
_struct_conn.ptnr1_auth_seq_id 
_struct_conn.ptnr2_auth_asym_id 
_struct_conn.ptnr2_auth_comp_id 
_struct_conn.ptnr2_auth_seq_id 
_struct_conn.ptnr2_symmetry 
_struct_conn.pdbx_ptnr3_label_atom_id 
_struct_conn.pdbx_ptnr3_label_seq_id 
_struct_conn.pdbx_ptnr3_label_comp_id 
_struct_conn.pdbx_ptnr3_label_asym_id 
_struct_conn.pdbx_ptnr3_label_alt_id 
_struct_conn.pdbx_ptnr3_PDB_ins_code 
_struct_conn.details 
_struct_conn.pdbx_dist_value 
_struct_conn.pdbx_value_order 
_struct_conn.pdbx_role 
covale1 covale both ? A ACE 1  C ? A ? 1_555 A CYS 2  N  ? ? A ACE 1  A CYS 1   1_555 ? ? ? ? ? ? ? 1.340 ? ? 
covale2 covale both ? A HIS 4  C ? ? ? 1_555 A DPN 5  N  ? ? A HIS 3  A DPN 4   1_555 ? ? ? ? ? ? ? 1.341 ? ? 
covale3 covale both ? A DPN 5  C ? ? ? 1_555 A ARG 6  N  ? ? A DPN 4  A ARG 5   1_555 ? ? ? ? ? ? ? 1.340 ? ? 
covale4 covale both ? A VAL 11 C ? ? ? 1_555 A NH2 12 N  ? ? A VAL 10 A NH2 11  1_555 ? ? ? ? ? ? ? 1.336 ? ? 
metalc1 metalc ?    ? A TRP 7  N ? ? ? 1_555 B RE  .  RE ? ? A TRP 6  A RE  182 1_555 ? ? ? ? ? ? ? 2.051 ? ? 
metalc2 metalc ?    ? A CYS 8  N ? ? ? 1_555 B RE  .  RE ? ? A CYS 7  A RE  182 1_555 ? ? ? ? ? ? ? 1.986 ? ? 
# 
loop_
_struct_conn_type.id 
_struct_conn_type.criteria 
_struct_conn_type.reference 
covale ? ? 
metalc ? ? 
# 
_pdbx_struct_conn_angle.id                    1 
_pdbx_struct_conn_angle.ptnr1_label_atom_id   N 
_pdbx_struct_conn_angle.ptnr1_label_alt_id    ? 
_pdbx_struct_conn_angle.ptnr1_label_asym_id   A 
_pdbx_struct_conn_angle.ptnr1_label_comp_id   TRP 
_pdbx_struct_conn_angle.ptnr1_label_seq_id    7 
_pdbx_struct_conn_angle.ptnr1_auth_atom_id    ? 
_pdbx_struct_conn_angle.ptnr1_auth_asym_id    A 
_pdbx_struct_conn_angle.ptnr1_auth_comp_id    TRP 
_pdbx_struct_conn_angle.ptnr1_auth_seq_id     6 
_pdbx_struct_conn_angle.ptnr1_PDB_ins_code    ? 
_pdbx_struct_conn_angle.ptnr1_symmetry        1_555 
_pdbx_struct_conn_angle.ptnr2_label_atom_id   RE 
_pdbx_struct_conn_angle.ptnr2_label_alt_id    ? 
_pdbx_struct_conn_angle.ptnr2_label_asym_id   B 
_pdbx_struct_conn_angle.ptnr2_label_comp_id   RE 
_pdbx_struct_conn_angle.ptnr2_label_seq_id    . 
_pdbx_struct_conn_angle.ptnr2_auth_atom_id    ? 
_pdbx_struct_conn_angle.ptnr2_auth_asym_id    A 
_pdbx_struct_conn_angle.ptnr2_auth_comp_id    RE 
_pdbx_struct_conn_angle.ptnr2_auth_seq_id     182 
_pdbx_struct_conn_angle.ptnr2_PDB_ins_code    ? 
_pdbx_struct_conn_angle.ptnr2_symmetry        1_555 
_pdbx_struct_conn_angle.ptnr3_label_atom_id   N 
_pdbx_struct_conn_angle.ptnr3_label_alt_id    ? 
_pdbx_struct_conn_angle.ptnr3_label_asym_id   A 
_pdbx_struct_conn_angle.ptnr3_label_comp_id   CYS 
_pdbx_struct_conn_angle.ptnr3_label_seq_id    8 
_pdbx_struct_conn_angle.ptnr3_auth_atom_id    ? 
_pdbx_struct_conn_angle.ptnr3_auth_asym_id    A 
_pdbx_struct_conn_angle.ptnr3_auth_comp_id    CYS 
_pdbx_struct_conn_angle.ptnr3_auth_seq_id     7 
_pdbx_struct_conn_angle.ptnr3_PDB_ins_code    ? 
_pdbx_struct_conn_angle.ptnr3_symmetry        1_555 
_pdbx_struct_conn_angle.value                 87.0 
_pdbx_struct_conn_angle.value_esd             ? 
# 
loop_
_pdbx_modification_feature.ordinal 
_pdbx_modification_feature.label_comp_id 
_pdbx_modification_feature.label_asym_id 
_pdbx_modification_feature.label_seq_id 
_pdbx_modification_feature.label_alt_id 
_pdbx_modification_feature.modified_residue_label_comp_id 
_pdbx_modification_feature.modified_residue_label_asym_id 
_pdbx_modification_feature.modified_residue_label_seq_id 
_pdbx_modification_feature.modified_residue_label_alt_id 
_pdbx_modification_feature.auth_comp_id 
_pdbx_modification_feature.auth_asym_id 
_pdbx_modification_feature.auth_seq_id 
_pdbx_modification_feature.PDB_ins_code 
_pdbx_modification_feature.symmetry 
_pdbx_modification_feature.modified_residue_auth_comp_id 
_pdbx_modification_feature.modified_residue_auth_asym_id 
_pdbx_modification_feature.modified_residue_auth_seq_id 
_pdbx_modification_feature.modified_residue_PDB_ins_code 
_pdbx_modification_feature.modified_residue_symmetry 
_pdbx_modification_feature.comp_id_linking_atom 
_pdbx_modification_feature.modified_residue_id_linking_atom 
_pdbx_modification_feature.modified_residue_id 
_pdbx_modification_feature.ref_pcm_id 
_pdbx_modification_feature.ref_comp_id 
_pdbx_modification_feature.type 
_pdbx_modification_feature.category 
1 ACE A 1  ? CYS A 2  ? ACE A 1  A 1_555 CYS A 1  ? 1_555 . . CYS 11 ACE None 'Terminal acetylation' 
2 NH2 A 12 ? VAL A 11 ? NH2 A 11 ? 1_555 VAL A 10 ? 1_555 . . VAL 2  NH2 None 'Terminal amidation'   
# 
_struct_site.id                   AC1 
_struct_site.pdbx_evidence_code   Software 
_struct_site.pdbx_auth_asym_id    A 
_struct_site.pdbx_auth_comp_id    RE 
_struct_site.pdbx_auth_seq_id     182 
_struct_site.pdbx_auth_ins_code   ? 
_struct_site.pdbx_num_residues    4 
_struct_site.details              'BINDING SITE FOR RESIDUE RE A 182' 
# 
loop_
_struct_site_gen.id 
_struct_site_gen.site_id 
_struct_site_gen.pdbx_num_res 
_struct_site_gen.label_comp_id 
_struct_site_gen.label_asym_id 
_struct_site_gen.label_seq_id 
_struct_site_gen.pdbx_auth_ins_code 
_struct_site_gen.auth_comp_id 
_struct_site_gen.auth_asym_id 
_struct_site_gen.auth_seq_id 
_struct_site_gen.label_atom_id 
_struct_site_gen.label_alt_id 
_struct_site_gen.symmetry 
_struct_site_gen.details 
1 AC1 4 CYS A 2 ? CYS A 1 . ? 1_555 ? 
2 AC1 4 ARG A 6 ? ARG A 5 . ? 1_555 ? 
3 AC1 4 TRP A 7 ? TRP A 6 . ? 1_555 ? 
4 AC1 4 CYS A 8 ? CYS A 7 . ? 1_555 ? 
# 
_pdbx_entry_details.entry_id                   1B0Q 
_pdbx_entry_details.compound_details           ? 
_pdbx_entry_details.source_details             ? 
_pdbx_entry_details.nonpolymer_details         ? 
_pdbx_entry_details.sequence_details           ? 
_pdbx_entry_details.has_ligand_of_interest     ? 
_pdbx_entry_details.has_protein_modification   Y 
# 
loop_
_pdbx_validate_torsion.id 
_pdbx_validate_torsion.PDB_model_num 
_pdbx_validate_torsion.auth_comp_id 
_pdbx_validate_torsion.auth_asym_id 
_pdbx_validate_torsion.auth_seq_id 
_pdbx_validate_torsion.PDB_ins_code 
_pdbx_validate_torsion.label_alt_id 
_pdbx_validate_torsion.phi 
_pdbx_validate_torsion.psi 
1 1 GLU A 2 ? ? -172.60 90.75  
2 1 ARG A 5 ? ? 170.94  142.82 
3 1 TRP A 6 ? ? -140.43 -34.02 
4 1 LYS A 8 ? ? -170.41 139.06 
# 
_pdbx_nmr_ensemble.entry_id                             1B0Q 
_pdbx_nmr_ensemble.conformers_calculated_total_number   ? 
_pdbx_nmr_ensemble.conformers_submitted_total_number    1 
_pdbx_nmr_ensemble.conformer_selection_criteria         ? 
# 
_pdbx_nmr_exptl_sample_conditions.conditions_id       1 
_pdbx_nmr_exptl_sample_conditions.temperature         278 
_pdbx_nmr_exptl_sample_conditions.pressure            1 
_pdbx_nmr_exptl_sample_conditions.pH                  5.2 
_pdbx_nmr_exptl_sample_conditions.ionic_strength      ? 
_pdbx_nmr_exptl_sample_conditions.pressure_units      atm 
_pdbx_nmr_exptl_sample_conditions.temperature_units   K 
# 
loop_
_pdbx_nmr_exptl.experiment_id 
_pdbx_nmr_exptl.conditions_id 
_pdbx_nmr_exptl.type 
_pdbx_nmr_exptl.solution_id 
1 1 NOESY 1 
2 1 COSY  1 
3 1 TOCSY 1 
# 
_pdbx_nmr_details.entry_id   1B0Q 
_pdbx_nmr_details.text       'MINIMIZED AVERAGE STRUCTURE' 
# 
_pdbx_nmr_refine.entry_id           1B0Q 
_pdbx_nmr_refine.method             ? 
_pdbx_nmr_refine.details            'MODELING DETAILS CAN BE FOUND IN THE JNRL CITATION ABOVE' 
_pdbx_nmr_refine.software_ordinal   1 
# 
loop_
_pdbx_nmr_software.classification 
_pdbx_nmr_software.name 
_pdbx_nmr_software.version 
_pdbx_nmr_software.authors 
_pdbx_nmr_software.ordinal 
refinement           SYBYL          ?     'TRIPOS, INC.' 1 
'structure solution' 'BRUKER UXNMR' UXNMR ?              2 
'structure solution' SYBYL          ?     ?              3 
# 
loop_
_chem_comp_atom.comp_id 
_chem_comp_atom.atom_id 
_chem_comp_atom.type_symbol 
_chem_comp_atom.pdbx_aromatic_flag 
_chem_comp_atom.pdbx_stereo_config 
_chem_comp_atom.pdbx_ordinal 
ACE C    C  N N 1   
ACE O    O  N N 2   
ACE CH3  C  N N 3   
ACE H    H  N N 4   
ACE H1   H  N N 5   
ACE H2   H  N N 6   
ACE H3   H  N N 7   
ARG N    N  N N 8   
ARG CA   C  N S 9   
ARG C    C  N N 10  
ARG O    O  N N 11  
ARG CB   C  N N 12  
ARG CG   C  N N 13  
ARG CD   C  N N 14  
ARG NE   N  N N 15  
ARG CZ   C  N N 16  
ARG NH1  N  N N 17  
ARG NH2  N  N N 18  
ARG OXT  O  N N 19  
ARG H    H  N N 20  
ARG H2   H  N N 21  
ARG HA   H  N N 22  
ARG HB2  H  N N 23  
ARG HB3  H  N N 24  
ARG HG2  H  N N 25  
ARG HG3  H  N N 26  
ARG HD2  H  N N 27  
ARG HD3  H  N N 28  
ARG HE   H  N N 29  
ARG HH11 H  N N 30  
ARG HH12 H  N N 31  
ARG HH21 H  N N 32  
ARG HH22 H  N N 33  
ARG HXT  H  N N 34  
CYS N    N  N N 35  
CYS CA   C  N R 36  
CYS C    C  N N 37  
CYS O    O  N N 38  
CYS CB   C  N N 39  
CYS SG   S  N N 40  
CYS OXT  O  N N 41  
CYS H    H  N N 42  
CYS H2   H  N N 43  
CYS HA   H  N N 44  
CYS HB2  H  N N 45  
CYS HB3  H  N N 46  
CYS HG   H  N N 47  
CYS HXT  H  N N 48  
DPN N    N  N N 49  
DPN CA   C  N R 50  
DPN C    C  N N 51  
DPN O    O  N N 52  
DPN OXT  O  N N 53  
DPN CB   C  N N 54  
DPN CG   C  Y N 55  
DPN CD1  C  Y N 56  
DPN CD2  C  Y N 57  
DPN CE1  C  Y N 58  
DPN CE2  C  Y N 59  
DPN CZ   C  Y N 60  
DPN H    H  N N 61  
DPN H2   H  N N 62  
DPN HA   H  N N 63  
DPN HXT  H  N N 64  
DPN HB2  H  N N 65  
DPN HB3  H  N N 66  
DPN HD1  H  N N 67  
DPN HD2  H  N N 68  
DPN HE1  H  N N 69  
DPN HE2  H  N N 70  
DPN HZ   H  N N 71  
GLU N    N  N N 72  
GLU CA   C  N S 73  
GLU C    C  N N 74  
GLU O    O  N N 75  
GLU CB   C  N N 76  
GLU CG   C  N N 77  
GLU CD   C  N N 78  
GLU OE1  O  N N 79  
GLU OE2  O  N N 80  
GLU OXT  O  N N 81  
GLU H    H  N N 82  
GLU H2   H  N N 83  
GLU HA   H  N N 84  
GLU HB2  H  N N 85  
GLU HB3  H  N N 86  
GLU HG2  H  N N 87  
GLU HG3  H  N N 88  
GLU HE2  H  N N 89  
GLU HXT  H  N N 90  
HIS N    N  N N 91  
HIS CA   C  N S 92  
HIS C    C  N N 93  
HIS O    O  N N 94  
HIS CB   C  N N 95  
HIS CG   C  Y N 96  
HIS ND1  N  Y N 97  
HIS CD2  C  Y N 98  
HIS CE1  C  Y N 99  
HIS NE2  N  Y N 100 
HIS OXT  O  N N 101 
HIS H    H  N N 102 
HIS H2   H  N N 103 
HIS HA   H  N N 104 
HIS HB2  H  N N 105 
HIS HB3  H  N N 106 
HIS HD1  H  N N 107 
HIS HD2  H  N N 108 
HIS HE1  H  N N 109 
HIS HE2  H  N N 110 
HIS HXT  H  N N 111 
LYS N    N  N N 112 
LYS CA   C  N S 113 
LYS C    C  N N 114 
LYS O    O  N N 115 
LYS CB   C  N N 116 
LYS CG   C  N N 117 
LYS CD   C  N N 118 
LYS CE   C  N N 119 
LYS NZ   N  N N 120 
LYS OXT  O  N N 121 
LYS H    H  N N 122 
LYS H2   H  N N 123 
LYS HA   H  N N 124 
LYS HB2  H  N N 125 
LYS HB3  H  N N 126 
LYS HG2  H  N N 127 
LYS HG3  H  N N 128 
LYS HD2  H  N N 129 
LYS HD3  H  N N 130 
LYS HE2  H  N N 131 
LYS HE3  H  N N 132 
LYS HZ1  H  N N 133 
LYS HZ2  H  N N 134 
LYS HZ3  H  N N 135 
LYS HXT  H  N N 136 
NH2 N    N  N N 137 
NH2 HN1  H  N N 138 
NH2 HN2  H  N N 139 
PRO N    N  N N 140 
PRO CA   C  N S 141 
PRO C    C  N N 142 
PRO O    O  N N 143 
PRO CB   C  N N 144 
PRO CG   C  N N 145 
PRO CD   C  N N 146 
PRO OXT  O  N N 147 
PRO H    H  N N 148 
PRO HA   H  N N 149 
PRO HB2  H  N N 150 
PRO HB3  H  N N 151 
PRO HG2  H  N N 152 
PRO HG3  H  N N 153 
PRO HD2  H  N N 154 
PRO HD3  H  N N 155 
PRO HXT  H  N N 156 
RE  RE   RE N N 157 
TRP N    N  N N 158 
TRP CA   C  N S 159 
TRP C    C  N N 160 
TRP O    O  N N 161 
TRP CB   C  N N 162 
TRP CG   C  Y N 163 
TRP CD1  C  Y N 164 
TRP CD2  C  Y N 165 
TRP NE1  N  Y N 166 
TRP CE2  C  Y N 167 
TRP CE3  C  Y N 168 
TRP CZ2  C  Y N 169 
TRP CZ3  C  Y N 170 
TRP CH2  C  Y N 171 
TRP OXT  O  N N 172 
TRP H    H  N N 173 
TRP H2   H  N N 174 
TRP HA   H  N N 175 
TRP HB2  H  N N 176 
TRP HB3  H  N N 177 
TRP HD1  H  N N 178 
TRP HE1  H  N N 179 
TRP HE3  H  N N 180 
TRP HZ2  H  N N 181 
TRP HZ3  H  N N 182 
TRP HH2  H  N N 183 
TRP HXT  H  N N 184 
VAL N    N  N N 185 
VAL CA   C  N S 186 
VAL C    C  N N 187 
VAL O    O  N N 188 
VAL CB   C  N N 189 
VAL CG1  C  N N 190 
VAL CG2  C  N N 191 
VAL OXT  O  N N 192 
VAL H    H  N N 193 
VAL H2   H  N N 194 
VAL HA   H  N N 195 
VAL HB   H  N N 196 
VAL HG11 H  N N 197 
VAL HG12 H  N N 198 
VAL HG13 H  N N 199 
VAL HG21 H  N N 200 
VAL HG22 H  N N 201 
VAL HG23 H  N N 202 
VAL HXT  H  N N 203 
# 
loop_
_chem_comp_bond.comp_id 
_chem_comp_bond.atom_id_1 
_chem_comp_bond.atom_id_2 
_chem_comp_bond.value_order 
_chem_comp_bond.pdbx_aromatic_flag 
_chem_comp_bond.pdbx_stereo_config 
_chem_comp_bond.pdbx_ordinal 
ACE C   O    doub N N 1   
ACE C   CH3  sing N N 2   
ACE C   H    sing N N 3   
ACE CH3 H1   sing N N 4   
ACE CH3 H2   sing N N 5   
ACE CH3 H3   sing N N 6   
ARG N   CA   sing N N 7   
ARG N   H    sing N N 8   
ARG N   H2   sing N N 9   
ARG CA  C    sing N N 10  
ARG CA  CB   sing N N 11  
ARG CA  HA   sing N N 12  
ARG C   O    doub N N 13  
ARG C   OXT  sing N N 14  
ARG CB  CG   sing N N 15  
ARG CB  HB2  sing N N 16  
ARG CB  HB3  sing N N 17  
ARG CG  CD   sing N N 18  
ARG CG  HG2  sing N N 19  
ARG CG  HG3  sing N N 20  
ARG CD  NE   sing N N 21  
ARG CD  HD2  sing N N 22  
ARG CD  HD3  sing N N 23  
ARG NE  CZ   sing N N 24  
ARG NE  HE   sing N N 25  
ARG CZ  NH1  sing N N 26  
ARG CZ  NH2  doub N N 27  
ARG NH1 HH11 sing N N 28  
ARG NH1 HH12 sing N N 29  
ARG NH2 HH21 sing N N 30  
ARG NH2 HH22 sing N N 31  
ARG OXT HXT  sing N N 32  
CYS N   CA   sing N N 33  
CYS N   H    sing N N 34  
CYS N   H2   sing N N 35  
CYS CA  C    sing N N 36  
CYS CA  CB   sing N N 37  
CYS CA  HA   sing N N 38  
CYS C   O    doub N N 39  
CYS C   OXT  sing N N 40  
CYS CB  SG   sing N N 41  
CYS CB  HB2  sing N N 42  
CYS CB  HB3  sing N N 43  
CYS SG  HG   sing N N 44  
CYS OXT HXT  sing N N 45  
DPN N   CA   sing N N 46  
DPN N   H    sing N N 47  
DPN N   H2   sing N N 48  
DPN CA  C    sing N N 49  
DPN CA  CB   sing N N 50  
DPN CA  HA   sing N N 51  
DPN C   O    doub N N 52  
DPN C   OXT  sing N N 53  
DPN OXT HXT  sing N N 54  
DPN CB  CG   sing N N 55  
DPN CB  HB2  sing N N 56  
DPN CB  HB3  sing N N 57  
DPN CG  CD1  doub Y N 58  
DPN CG  CD2  sing Y N 59  
DPN CD1 CE1  sing Y N 60  
DPN CD1 HD1  sing N N 61  
DPN CD2 CE2  doub Y N 62  
DPN CD2 HD2  sing N N 63  
DPN CE1 CZ   doub Y N 64  
DPN CE1 HE1  sing N N 65  
DPN CE2 CZ   sing Y N 66  
DPN CE2 HE2  sing N N 67  
DPN CZ  HZ   sing N N 68  
GLU N   CA   sing N N 69  
GLU N   H    sing N N 70  
GLU N   H2   sing N N 71  
GLU CA  C    sing N N 72  
GLU CA  CB   sing N N 73  
GLU CA  HA   sing N N 74  
GLU C   O    doub N N 75  
GLU C   OXT  sing N N 76  
GLU CB  CG   sing N N 77  
GLU CB  HB2  sing N N 78  
GLU CB  HB3  sing N N 79  
GLU CG  CD   sing N N 80  
GLU CG  HG2  sing N N 81  
GLU CG  HG3  sing N N 82  
GLU CD  OE1  doub N N 83  
GLU CD  OE2  sing N N 84  
GLU OE2 HE2  sing N N 85  
GLU OXT HXT  sing N N 86  
HIS N   CA   sing N N 87  
HIS N   H    sing N N 88  
HIS N   H2   sing N N 89  
HIS CA  C    sing N N 90  
HIS CA  CB   sing N N 91  
HIS CA  HA   sing N N 92  
HIS C   O    doub N N 93  
HIS C   OXT  sing N N 94  
HIS CB  CG   sing N N 95  
HIS CB  HB2  sing N N 96  
HIS CB  HB3  sing N N 97  
HIS CG  ND1  sing Y N 98  
HIS CG  CD2  doub Y N 99  
HIS ND1 CE1  doub Y N 100 
HIS ND1 HD1  sing N N 101 
HIS CD2 NE2  sing Y N 102 
HIS CD2 HD2  sing N N 103 
HIS CE1 NE2  sing Y N 104 
HIS CE1 HE1  sing N N 105 
HIS NE2 HE2  sing N N 106 
HIS OXT HXT  sing N N 107 
LYS N   CA   sing N N 108 
LYS N   H    sing N N 109 
LYS N   H2   sing N N 110 
LYS CA  C    sing N N 111 
LYS CA  CB   sing N N 112 
LYS CA  HA   sing N N 113 
LYS C   O    doub N N 114 
LYS C   OXT  sing N N 115 
LYS CB  CG   sing N N 116 
LYS CB  HB2  sing N N 117 
LYS CB  HB3  sing N N 118 
LYS CG  CD   sing N N 119 
LYS CG  HG2  sing N N 120 
LYS CG  HG3  sing N N 121 
LYS CD  CE   sing N N 122 
LYS CD  HD2  sing N N 123 
LYS CD  HD3  sing N N 124 
LYS CE  NZ   sing N N 125 
LYS CE  HE2  sing N N 126 
LYS CE  HE3  sing N N 127 
LYS NZ  HZ1  sing N N 128 
LYS NZ  HZ2  sing N N 129 
LYS NZ  HZ3  sing N N 130 
LYS OXT HXT  sing N N 131 
NH2 N   HN1  sing N N 132 
NH2 N   HN2  sing N N 133 
PRO N   CA   sing N N 134 
PRO N   CD   sing N N 135 
PRO N   H    sing N N 136 
PRO CA  C    sing N N 137 
PRO CA  CB   sing N N 138 
PRO CA  HA   sing N N 139 
PRO C   O    doub N N 140 
PRO C   OXT  sing N N 141 
PRO CB  CG   sing N N 142 
PRO CB  HB2  sing N N 143 
PRO CB  HB3  sing N N 144 
PRO CG  CD   sing N N 145 
PRO CG  HG2  sing N N 146 
PRO CG  HG3  sing N N 147 
PRO CD  HD2  sing N N 148 
PRO CD  HD3  sing N N 149 
PRO OXT HXT  sing N N 150 
TRP N   CA   sing N N 151 
TRP N   H    sing N N 152 
TRP N   H2   sing N N 153 
TRP CA  C    sing N N 154 
TRP CA  CB   sing N N 155 
TRP CA  HA   sing N N 156 
TRP C   O    doub N N 157 
TRP C   OXT  sing N N 158 
TRP CB  CG   sing N N 159 
TRP CB  HB2  sing N N 160 
TRP CB  HB3  sing N N 161 
TRP CG  CD1  doub Y N 162 
TRP CG  CD2  sing Y N 163 
TRP CD1 NE1  sing Y N 164 
TRP CD1 HD1  sing N N 165 
TRP CD2 CE2  doub Y N 166 
TRP CD2 CE3  sing Y N 167 
TRP NE1 CE2  sing Y N 168 
TRP NE1 HE1  sing N N 169 
TRP CE2 CZ2  sing Y N 170 
TRP CE3 CZ3  doub Y N 171 
TRP CE3 HE3  sing N N 172 
TRP CZ2 CH2  doub Y N 173 
TRP CZ2 HZ2  sing N N 174 
TRP CZ3 CH2  sing Y N 175 
TRP CZ3 HZ3  sing N N 176 
TRP CH2 HH2  sing N N 177 
TRP OXT HXT  sing N N 178 
VAL N   CA   sing N N 179 
VAL N   H    sing N N 180 
VAL N   H2   sing N N 181 
VAL CA  C    sing N N 182 
VAL CA  CB   sing N N 183 
VAL CA  HA   sing N N 184 
VAL C   O    doub N N 185 
VAL C   OXT  sing N N 186 
VAL CB  CG1  sing N N 187 
VAL CB  CG2  sing N N 188 
VAL CB  HB   sing N N 189 
VAL CG1 HG11 sing N N 190 
VAL CG1 HG12 sing N N 191 
VAL CG1 HG13 sing N N 192 
VAL CG2 HG21 sing N N 193 
VAL CG2 HG22 sing N N 194 
VAL CG2 HG23 sing N N 195 
VAL OXT HXT  sing N N 196 
# 
_pdbx_nmr_spectrometer.spectrometer_id   1 
_pdbx_nmr_spectrometer.model             DMX500 
_pdbx_nmr_spectrometer.manufacturer      Bruker 
_pdbx_nmr_spectrometer.field_strength    500 
_pdbx_nmr_spectrometer.type              ? 
# 
_atom_sites.entry_id                    1B0Q 
_atom_sites.fract_transf_matrix[1][1]   1.000000 
_atom_sites.fract_transf_matrix[1][2]   0.000000 
_atom_sites.fract_transf_matrix[1][3]   0.000000 
_atom_sites.fract_transf_matrix[2][1]   0.000000 
_atom_sites.fract_transf_matrix[2][2]   1.000000 
_atom_sites.fract_transf_matrix[2][3]   0.000000 
_atom_sites.fract_transf_matrix[3][1]   0.000000 
_atom_sites.fract_transf_matrix[3][2]   0.000000 
_atom_sites.fract_transf_matrix[3][3]   1.000000 
_atom_sites.fract_transf_vector[1]      0.00000 
_atom_sites.fract_transf_vector[2]      0.00000 
_atom_sites.fract_transf_vector[3]      0.00000 
# 
loop_
_atom_type.symbol 
C  
H  
N  
O  
RE 
S  
# 
loop_
_atom_site.group_PDB 
_atom_site.id 
_atom_site.type_symbol 
_atom_site.label_atom_id 
_atom_site.label_alt_id 
_atom_site.label_comp_id 
_atom_site.label_asym_id 
_atom_site.label_entity_id 
_atom_site.label_seq_id 
_atom_site.pdbx_PDB_ins_code 
_atom_site.Cartn_x 
_atom_site.Cartn_y 
_atom_site.Cartn_z 
_atom_site.occupancy 
_atom_site.B_iso_or_equiv 
_atom_site.pdbx_formal_charge 
_atom_site.auth_seq_id 
_atom_site.auth_comp_id 
_atom_site.auth_asym_id 
_atom_site.auth_atom_id 
_atom_site.pdbx_PDB_model_num 
HETATM 1   C  C    . ACE A 1 1  A -4.784  -1.253 1.388  1.00 0.00 ? 1   ACE A C    1 
HETATM 2   O  O    . ACE A 1 1  A -4.560  -2.458 1.462  1.00 0.00 ? 1   ACE A O    1 
HETATM 3   C  CH3  . ACE A 1 1  A -4.627  -0.368 2.620  1.00 0.00 ? 1   ACE A CH3  1 
HETATM 4   H  H1   . ACE A 1 1  A -5.538  0.210  2.777  1.00 0.00 ? 1   ACE A H1   1 
HETATM 5   H  H2   . ACE A 1 1  A -4.441  -0.982 3.503  1.00 0.00 ? 1   ACE A H2   1 
HETATM 6   H  H3   . ACE A 1 1  A -3.789  0.313  2.475  1.00 0.00 ? 1   ACE A H3   1 
ATOM   7   N  N    . CYS A 1 2  ? -5.172  -0.635 0.264  1.00 0.00 ? 1   CYS A N    1 
ATOM   8   C  CA   . CYS A 1 2  ? -5.363  -1.264 -1.039 1.00 0.00 ? 1   CYS A CA   1 
ATOM   9   C  C    . CYS A 1 2  ? -6.509  -2.280 -1.026 1.00 0.00 ? 1   CYS A C    1 
ATOM   10  O  O    . CYS A 1 2  ? -7.626  -1.970 -1.434 1.00 0.00 ? 1   CYS A O    1 
ATOM   11  C  CB   . CYS A 1 2  ? -4.037  -1.776 -1.637 1.00 0.00 ? 1   CYS A CB   1 
ATOM   12  S  SG   . CYS A 1 2  ? -2.792  -0.455 -1.626 1.00 0.00 ? 1   CYS A SG   1 
ATOM   13  H  H    . CYS A 1 2  ? -5.330  0.361  0.309  1.00 0.00 ? 1   CYS A H    1 
ATOM   14  H  HA   . CYS A 1 2  ? -5.700  -0.490 -1.706 1.00 0.00 ? 1   CYS A HA   1 
ATOM   15  H  HB2  . CYS A 1 2  ? -3.632  -2.621 -1.083 1.00 0.00 ? 1   CYS A HB2  1 
ATOM   16  H  HB3  . CYS A 1 2  ? -4.191  -2.072 -2.678 1.00 0.00 ? 1   CYS A HB3  1 
ATOM   17  N  N    . GLU A 1 3  ? -6.207  -3.484 -0.546 1.00 0.00 ? 2   GLU A N    1 
ATOM   18  C  CA   . GLU A 1 3  ? -7.119  -4.604 -0.360 1.00 0.00 ? 2   GLU A CA   1 
ATOM   19  C  C    . GLU A 1 3  ? -6.375  -5.715 0.387  1.00 0.00 ? 2   GLU A C    1 
ATOM   20  O  O    . GLU A 1 3  ? -5.733  -6.560 -0.235 1.00 0.00 ? 2   GLU A O    1 
ATOM   21  C  CB   . GLU A 1 3  ? -7.719  -5.080 -1.699 1.00 0.00 ? 2   GLU A CB   1 
ATOM   22  C  CG   . GLU A 1 3  ? -6.716  -5.202 -2.856 1.00 0.00 ? 2   GLU A CG   1 
ATOM   23  C  CD   . GLU A 1 3  ? -7.405  -5.723 -4.115 1.00 0.00 ? 2   GLU A CD   1 
ATOM   24  O  OE1  . GLU A 1 3  ? -7.893  -4.872 -4.891 1.00 0.00 ? 2   GLU A OE1  1 
ATOM   25  O  OE2  . GLU A 1 3  ? -7.435  -6.962 -4.277 1.00 0.00 ? 2   GLU A OE2  1 
ATOM   26  H  H    . GLU A 1 3  ? -5.265  -3.573 -0.211 1.00 0.00 ? 2   GLU A H    1 
ATOM   27  H  HA   . GLU A 1 3  ? -7.948  -4.275 0.269  1.00 0.00 ? 2   GLU A HA   1 
ATOM   28  H  HB2  . GLU A 1 3  ? -8.201  -6.045 -1.537 1.00 0.00 ? 2   GLU A HB2  1 
ATOM   29  H  HB3  . GLU A 1 3  ? -8.493  -4.374 -2.001 1.00 0.00 ? 2   GLU A HB3  1 
ATOM   30  H  HG2  . GLU A 1 3  ? -6.283  -4.228 -3.081 1.00 0.00 ? 2   GLU A HG2  1 
ATOM   31  H  HG3  . GLU A 1 3  ? -5.907  -5.884 -2.599 1.00 0.00 ? 2   GLU A HG3  1 
ATOM   32  N  N    . HIS A 1 4  ? -6.451  -5.700 1.726  1.00 0.00 ? 3   HIS A N    1 
ATOM   33  C  CA   . HIS A 1 4  ? -5.737  -6.623 2.606  1.00 0.00 ? 3   HIS A CA   1 
ATOM   34  C  C    . HIS A 1 4  ? -4.229  -6.554 2.340  1.00 0.00 ? 3   HIS A C    1 
ATOM   35  O  O    . HIS A 1 4  ? -3.638  -7.518 1.853  1.00 0.00 ? 3   HIS A O    1 
ATOM   36  C  CB   . HIS A 1 4  ? -6.302  -8.046 2.477  1.00 0.00 ? 3   HIS A CB   1 
ATOM   37  C  CG   . HIS A 1 4  ? -7.783  -8.120 2.745  1.00 0.00 ? 3   HIS A CG   1 
ATOM   38  N  ND1  . HIS A 1 4  ? -8.783  -7.994 1.806  1.00 0.00 ? 3   HIS A ND1  1 
ATOM   39  C  CD2  . HIS A 1 4  ? -8.380  -8.267 3.969  1.00 0.00 ? 3   HIS A CD2  1 
ATOM   40  C  CE1  . HIS A 1 4  ? -9.956  -8.075 2.457  1.00 0.00 ? 3   HIS A CE1  1 
ATOM   41  N  NE2  . HIS A 1 4  ? -9.764  -8.242 3.776  1.00 0.00 ? 3   HIS A NE2  1 
ATOM   42  H  H    . HIS A 1 4  ? -7.026  -5.001 2.176  1.00 0.00 ? 3   HIS A H    1 
ATOM   43  H  HA   . HIS A 1 4  ? -5.919  -6.304 3.634  1.00 0.00 ? 3   HIS A HA   1 
ATOM   44  H  HB2  . HIS A 1 4  ? -6.116  -8.442 1.479  1.00 0.00 ? 3   HIS A HB2  1 
ATOM   45  H  HB3  . HIS A 1 4  ? -5.791  -8.690 3.195  1.00 0.00 ? 3   HIS A HB3  1 
ATOM   46  H  HD1  . HIS A 1 4  ? -8.656  -7.860 0.813  1.00 0.00 ? 3   HIS A HD1  1 
ATOM   47  H  HD2  . HIS A 1 4  ? -7.871  -8.372 4.917  1.00 0.00 ? 3   HIS A HD2  1 
ATOM   48  H  HE1  . HIS A 1 4  ? -10.925 -8.010 1.984  1.00 0.00 ? 3   HIS A HE1  1 
HETATM 49  N  N    . DPN A 1 5  ? -3.617  -5.401 2.642  1.00 0.00 ? 4   DPN A N    1 
HETATM 50  C  CA   . DPN A 1 5  ? -2.215  -5.116 2.365  1.00 0.00 ? 4   DPN A CA   1 
HETATM 51  C  C    . DPN A 1 5  ? -1.976  -3.611 2.493  1.00 0.00 ? 4   DPN A C    1 
HETATM 52  O  O    . DPN A 1 5  ? -2.536  -2.972 3.383  1.00 0.00 ? 4   DPN A O    1 
HETATM 53  C  CB   . DPN A 1 5  ? -1.302  -5.904 3.318  1.00 0.00 ? 4   DPN A CB   1 
HETATM 54  C  CG   . DPN A 1 5  ? 0.180   -5.603 3.173  1.00 0.00 ? 4   DPN A CG   1 
HETATM 55  C  CD1  . DPN A 1 5  ? 0.802   -5.702 1.912  1.00 0.00 ? 4   DPN A CD1  1 
HETATM 56  C  CD2  . DPN A 1 5  ? 0.937   -5.202 4.291  1.00 0.00 ? 4   DPN A CD2  1 
HETATM 57  C  CE1  . DPN A 1 5  ? 2.156   -5.354 1.763  1.00 0.00 ? 4   DPN A CE1  1 
HETATM 58  C  CE2  . DPN A 1 5  ? 2.294   -4.869 4.143  1.00 0.00 ? 4   DPN A CE2  1 
HETATM 59  C  CZ   . DPN A 1 5  ? 2.901   -4.934 2.877  1.00 0.00 ? 4   DPN A CZ   1 
HETATM 60  H  H    . DPN A 1 5  ? -4.163  -4.645 3.030  1.00 0.00 ? 4   DPN A H    1 
HETATM 61  H  HA   . DPN A 1 5  ? -2.011  -5.418 1.336  1.00 0.00 ? 4   DPN A HA   1 
HETATM 62  H  HB2  . DPN A 1 5  ? -1.613  -5.687 4.342  1.00 0.00 ? 4   DPN A HB2  1 
HETATM 63  H  HB3  . DPN A 1 5  ? -1.438  -6.973 3.150  1.00 0.00 ? 4   DPN A HB3  1 
HETATM 64  H  HD1  . DPN A 1 5  ? 0.243   -6.035 1.051  1.00 0.00 ? 4   DPN A HD1  1 
HETATM 65  H  HD2  . DPN A 1 5  ? 0.477   -5.134 5.266  1.00 0.00 ? 4   DPN A HD2  1 
HETATM 66  H  HE1  . DPN A 1 5  ? 2.624   -5.412 0.791  1.00 0.00 ? 4   DPN A HE1  1 
HETATM 67  H  HE2  . DPN A 1 5  ? 2.869   -4.552 5.002  1.00 0.00 ? 4   DPN A HE2  1 
HETATM 68  H  HZ   . DPN A 1 5  ? 3.942   -4.666 2.762  1.00 0.00 ? 4   DPN A HZ   1 
ATOM   69  N  N    . ARG A 1 6  ? -1.148  -3.063 1.593  1.00 0.00 ? 5   ARG A N    1 
ATOM   70  C  CA   . ARG A 1 6  ? -0.818  -1.647 1.464  1.00 0.00 ? 5   ARG A CA   1 
ATOM   71  C  C    . ARG A 1 6  ? 0.329   -1.483 0.463  1.00 0.00 ? 5   ARG A C    1 
ATOM   72  O  O    . ARG A 1 6  ? 1.272   -2.273 0.475  1.00 0.00 ? 5   ARG A O    1 
ATOM   73  C  CB   . ARG A 1 6  ? -0.429  -0.994 2.804  1.00 0.00 ? 5   ARG A CB   1 
ATOM   74  C  CG   . ARG A 1 6  ? 0.519   -1.852 3.657  1.00 0.00 ? 5   ARG A CG   1 
ATOM   75  C  CD   . ARG A 1 6  ? 1.375   -1.007 4.602  1.00 0.00 ? 5   ARG A CD   1 
ATOM   76  N  NE   . ARG A 1 6  ? 2.505   -0.397 3.885  1.00 0.00 ? 5   ARG A NE   1 
ATOM   77  C  CZ   . ARG A 1 6  ? 2.622   0.882  3.491  1.00 0.00 ? 5   ARG A CZ   1 
ATOM   78  N  NH1  . ARG A 1 6  ? 1.677   1.798  3.752  1.00 0.00 ? 5   ARG A NH1  1 
ATOM   79  N  NH2  . ARG A 1 6  ? 3.718   1.250  2.817  1.00 0.00 ? 5   ARG A NH2  1 
ATOM   80  H  H    . ARG A 1 6  ? -0.731  -3.680 0.911  1.00 0.00 ? 5   ARG A H    1 
ATOM   81  H  HA   . ARG A 1 6  ? -1.697  -1.129 1.078  1.00 0.00 ? 5   ARG A HA   1 
ATOM   82  H  HB2  . ARG A 1 6  ? 0.049   -0.042 2.572  1.00 0.00 ? 5   ARG A HB2  1 
ATOM   83  H  HB3  . ARG A 1 6  ? -1.321  -0.768 3.389  1.00 0.00 ? 5   ARG A HB3  1 
ATOM   84  H  HG2  . ARG A 1 6  ? -0.076  -2.538 4.259  1.00 0.00 ? 5   ARG A HG2  1 
ATOM   85  H  HG3  . ARG A 1 6  ? 1.186   -2.435 3.024  1.00 0.00 ? 5   ARG A HG3  1 
ATOM   86  H  HD2  . ARG A 1 6  ? 0.757   -0.270 5.114  1.00 0.00 ? 5   ARG A HD2  1 
ATOM   87  H  HD3  . ARG A 1 6  ? 1.799   -1.672 5.355  1.00 0.00 ? 5   ARG A HD3  1 
ATOM   88  H  HE   . ARG A 1 6  ? 3.263   -1.024 3.654  1.00 0.00 ? 5   ARG A HE   1 
ATOM   89  H  HH21 . ARG A 1 6  ? 4.438   0.571  2.609  1.00 0.00 ? 5   ARG A HH21 1 
ATOM   90  H  HH22 . ARG A 1 6  ? 3.828   2.209  2.523  1.00 0.00 ? 5   ARG A HH22 1 
ATOM   91  N  N    . TRP A 1 7  ? 0.286   -0.413 -0.343 1.00 0.00 ? 6   TRP A N    1 
ATOM   92  C  CA   . TRP A 1 7  ? 1.364   -0.060 -1.262 1.00 0.00 ? 6   TRP A CA   1 
ATOM   93  C  C    . TRP A 1 7  ? 1.597   1.453  -1.308 1.00 0.00 ? 6   TRP A C    1 
ATOM   94  O  O    . TRP A 1 7  ? 2.729   1.892  -1.501 1.00 0.00 ? 6   TRP A O    1 
ATOM   95  C  CB   . TRP A 1 7  ? 1.041   -0.604 -2.657 1.00 0.00 ? 6   TRP A CB   1 
ATOM   96  C  CG   . TRP A 1 7  ? 2.068   -0.294 -3.701 1.00 0.00 ? 6   TRP A CG   1 
ATOM   97  C  CD1  . TRP A 1 7  ? 3.184   -1.016 -3.944 1.00 0.00 ? 6   TRP A CD1  1 
ATOM   98  C  CD2  . TRP A 1 7  ? 2.127   0.849  -4.608 1.00 0.00 ? 6   TRP A CD2  1 
ATOM   99  N  NE1  . TRP A 1 7  ? 3.924   -0.406 -4.935 1.00 0.00 ? 6   TRP A NE1  1 
ATOM   100 C  CE2  . TRP A 1 7  ? 3.325   0.756  -5.375 1.00 0.00 ? 6   TRP A CE2  1 
ATOM   101 C  CE3  . TRP A 1 7  ? 1.296   1.964  -4.852 1.00 0.00 ? 6   TRP A CE3  1 
ATOM   102 C  CZ2  . TRP A 1 7  ? 3.681   1.717  -6.333 1.00 0.00 ? 6   TRP A CZ2  1 
ATOM   103 C  CZ3  . TRP A 1 7  ? 1.645   2.938  -5.806 1.00 0.00 ? 6   TRP A CZ3  1 
ATOM   104 C  CH2  . TRP A 1 7  ? 2.835   2.817  -6.546 1.00 0.00 ? 6   TRP A CH2  1 
ATOM   105 H  HA   . TRP A 1 7  ? 2.300   -0.514 -0.932 1.00 0.00 ? 6   TRP A HA   1 
ATOM   106 H  HB2  . TRP A 1 7  ? 0.929   -1.687 -2.593 1.00 0.00 ? 6   TRP A HB2  1 
ATOM   107 H  HB3  . TRP A 1 7  ? 0.087   -0.188 -2.984 1.00 0.00 ? 6   TRP A HB3  1 
ATOM   108 H  HD1  . TRP A 1 7  ? 3.465   -1.922 -3.428 1.00 0.00 ? 6   TRP A HD1  1 
ATOM   109 H  HE1  . TRP A 1 7  ? 4.802   -0.779 -5.266 1.00 0.00 ? 6   TRP A HE1  1 
ATOM   110 H  HE3  . TRP A 1 7  ? 0.375   2.071  -4.298 1.00 0.00 ? 6   TRP A HE3  1 
ATOM   111 H  HZ2  . TRP A 1 7  ? 4.597   1.614  -6.897 1.00 0.00 ? 6   TRP A HZ2  1 
ATOM   112 H  HZ3  . TRP A 1 7  ? 0.994   3.785  -5.971 1.00 0.00 ? 6   TRP A HZ3  1 
ATOM   113 H  HH2  . TRP A 1 7  ? 3.097   3.567  -7.277 1.00 0.00 ? 6   TRP A HH2  1 
ATOM   114 N  N    . CYS A 1 8  ? 0.516   2.230  -1.166 1.00 0.00 ? 7   CYS A N    1 
ATOM   115 C  CA   . CYS A 1 8  ? 0.411   3.642  -1.494 1.00 0.00 ? 7   CYS A CA   1 
ATOM   116 C  C    . CYS A 1 8  ? 1.205   4.511  -0.514 1.00 0.00 ? 7   CYS A C    1 
ATOM   117 O  O    . CYS A 1 8  ? 0.648   5.060  0.436  1.00 0.00 ? 7   CYS A O    1 
ATOM   118 C  CB   . CYS A 1 8  ? -1.080  4.015  -1.523 1.00 0.00 ? 7   CYS A CB   1 
ATOM   119 S  SG   . CYS A 1 8  ? -2.050  2.712  -2.339 1.00 0.00 ? 7   CYS A SG   1 
ATOM   120 H  HA   . CYS A 1 8  ? 0.808   3.790  -2.500 1.00 0.00 ? 7   CYS A HA   1 
ATOM   121 H  HB2  . CYS A 1 8  ? -1.470  4.114  -0.510 1.00 0.00 ? 7   CYS A HB2  1 
ATOM   122 H  HB3  . CYS A 1 8  ? -1.212  4.961  -2.051 1.00 0.00 ? 7   CYS A HB3  1 
ATOM   123 N  N    . LYS A 1 9  ? 2.516   4.630  -0.757 1.00 0.00 ? 8   LYS A N    1 
ATOM   124 C  CA   . LYS A 1 9  ? 3.461   5.337  0.093  1.00 0.00 ? 8   LYS A CA   1 
ATOM   125 C  C    . LYS A 1 9  ? 4.795   5.441  -0.659 1.00 0.00 ? 8   LYS A C    1 
ATOM   126 O  O    . LYS A 1 9  ? 5.201   4.452  -1.272 1.00 0.00 ? 8   LYS A O    1 
ATOM   127 C  CB   . LYS A 1 9  ? 3.658   4.552  1.401  1.00 0.00 ? 8   LYS A CB   1 
ATOM   128 C  CG   . LYS A 1 9  ? 4.476   5.340  2.430  1.00 0.00 ? 8   LYS A CG   1 
ATOM   129 C  CD   . LYS A 1 9  ? 4.635   4.532  3.722  1.00 0.00 ? 8   LYS A CD   1 
ATOM   130 C  CE   . LYS A 1 9  ? 5.395   5.342  4.773  1.00 0.00 ? 8   LYS A CE   1 
ATOM   131 N  NZ   . LYS A 1 9  ? 5.557   4.579  6.022  1.00 0.00 ? 8   LYS A NZ   1 
ATOM   132 H  H    . LYS A 1 9  ? 2.895   4.152  -1.563 1.00 0.00 ? 8   LYS A H    1 
ATOM   133 H  HA   . LYS A 1 9  ? 3.041   6.314  0.324  1.00 0.00 ? 8   LYS A HA   1 
ATOM   134 H  HB2  . LYS A 1 9  ? 2.692   4.321  1.848  1.00 0.00 ? 8   LYS A HB2  1 
ATOM   135 H  HB3  . LYS A 1 9  ? 4.170   3.617  1.173  1.00 0.00 ? 8   LYS A HB3  1 
ATOM   136 H  HG2  . LYS A 1 9  ? 5.466   5.561  2.034  1.00 0.00 ? 8   LYS A HG2  1 
ATOM   137 H  HG3  . LYS A 1 9  ? 3.960   6.275  2.655  1.00 0.00 ? 8   LYS A HG3  1 
ATOM   138 H  HD2  . LYS A 1 9  ? 3.650   4.272  4.112  1.00 0.00 ? 8   LYS A HD2  1 
ATOM   139 H  HD3  . LYS A 1 9  ? 5.189   3.617  3.508  1.00 0.00 ? 8   LYS A HD3  1 
ATOM   140 H  HE2  . LYS A 1 9  ? 6.383   5.601  4.390  1.00 0.00 ? 8   LYS A HE2  1 
ATOM   141 H  HE3  . LYS A 1 9  ? 4.849   6.260  4.992  1.00 0.00 ? 8   LYS A HE3  1 
ATOM   142 H  HZ1  . LYS A 1 9  ? 4.646   4.344  6.392  1.00 0.00 ? 8   LYS A HZ1  1 
ATOM   143 H  HZ2  . LYS A 1 9  ? 6.072   3.732  5.834  1.00 0.00 ? 8   LYS A HZ2  1 
ATOM   144 H  HZ3  . LYS A 1 9  ? 6.060   5.139  6.695  1.00 0.00 ? 8   LYS A HZ3  1 
ATOM   145 N  N    . PRO A 1 10 ? 5.501   6.585  -0.606 1.00 0.00 ? 9   PRO A N    1 
ATOM   146 C  CA   . PRO A 1 10 ? 6.867   6.713  -1.102 1.00 0.00 ? 9   PRO A CA   1 
ATOM   147 C  C    . PRO A 1 10 ? 7.761   5.582  -0.586 1.00 0.00 ? 9   PRO A C    1 
ATOM   148 O  O    . PRO A 1 10 ? 7.841   5.369  0.624  1.00 0.00 ? 9   PRO A O    1 
ATOM   149 C  CB   . PRO A 1 10 ? 7.394   8.027  -0.455 1.00 0.00 ? 9   PRO A CB   1 
ATOM   150 C  CG   . PRO A 1 10 ? 6.122   8.872  -0.450 1.00 0.00 ? 9   PRO A CG   1 
ATOM   151 C  CD   . PRO A 1 10 ? 5.045   7.858  -0.069 1.00 0.00 ? 9   PRO A CD   1 
ATOM   152 H  HA   . PRO A 1 10 ? 6.832   6.711  -2.193 1.00 0.00 ? 9   PRO A HA   1 
ATOM   153 H  HB2  . PRO A 1 10 ? 7.744   7.916  0.572  1.00 0.00 ? 9   PRO A HB2  1 
ATOM   154 H  HB3  . PRO A 1 10 ? 8.178   8.463  -1.075 1.00 0.00 ? 9   PRO A HB3  1 
ATOM   155 H  HG2  . PRO A 1 10 ? 6.179   9.703  0.255  1.00 0.00 ? 9   PRO A HG2  1 
ATOM   156 H  HG3  . PRO A 1 10 ? 5.933   9.242  -1.459 1.00 0.00 ? 9   PRO A HG3  1 
ATOM   157 H  HD2  . PRO A 1 10 ? 4.970   7.794  1.016  1.00 0.00 ? 9   PRO A HD2  1 
ATOM   158 H  HD3  . PRO A 1 10 ? 4.093   8.170  -0.499 1.00 0.00 ? 9   PRO A HD3  1 
ATOM   159 N  N    . VAL A 1 11 ? 8.389   4.845  -1.514 1.00 0.00 ? 10  VAL A N    1 
ATOM   160 C  CA   . VAL A 1 11 ? 9.149   3.622  -1.272 1.00 0.00 ? 10  VAL A CA   1 
ATOM   161 C  C    . VAL A 1 11 ? 8.407   2.667  -0.324 1.00 0.00 ? 10  VAL A C    1 
ATOM   162 O  O    . VAL A 1 11 ? 8.733   2.546  0.854  1.00 0.00 ? 10  VAL A O    1 
ATOM   163 C  CB   . VAL A 1 11 ? 10.624  3.923  -0.920 1.00 0.00 ? 10  VAL A CB   1 
ATOM   164 C  CG1  . VAL A 1 11 ? 10.850  4.794  0.325  1.00 0.00 ? 10  VAL A CG1  1 
ATOM   165 C  CG2  . VAL A 1 11 ? 11.439  2.627  -0.804 1.00 0.00 ? 10  VAL A CG2  1 
ATOM   166 H  H    . VAL A 1 11 ? 8.267   5.109  -2.481 1.00 0.00 ? 10  VAL A H    1 
ATOM   167 H  HA   . VAL A 1 11 ? 9.182   3.114  -2.237 1.00 0.00 ? 10  VAL A HA   1 
ATOM   168 H  HB   . VAL A 1 11 ? 11.039  4.476  -1.765 1.00 0.00 ? 10  VAL A HB   1 
ATOM   169 H  HG11 . VAL A 1 11 ? 10.425  4.336  1.216  1.00 0.00 ? 10  VAL A HG11 1 
ATOM   170 H  HG12 . VAL A 1 11 ? 11.921  4.922  0.481  1.00 0.00 ? 10  VAL A HG12 1 
ATOM   171 H  HG13 . VAL A 1 11 ? 10.414  5.782  0.179  1.00 0.00 ? 10  VAL A HG13 1 
HETATM 172 N  N    . NH2 A 1 12 ? 7.372   2.001  -0.843 1.00 0.00 ? 11  NH2 A N    1 
HETATM 173 H  HN1  . NH2 A 1 12 ? 7.123   2.130  -1.814 1.00 0.00 ? 11  NH2 A HN1  1 
HETATM 174 H  HN2  . NH2 A 1 12 ? 6.840   1.366  -0.265 1.00 0.00 ? 11  NH2 A HN2  1 
HETATM 175 RE RE   . RE  B 2 .  ? -1.027  0.983  -1.075 1.00 0.00 ? 182 RE  A RE   1 
# 
